data_8U1Z
#
_entry.id   8U1Z
#
_cell.length_a   54.798
_cell.length_b   54.798
_cell.length_c   103.198
_cell.angle_alpha   90.00
_cell.angle_beta   90.00
_cell.angle_gamma   90.00
#
_symmetry.space_group_name_H-M   'P 41 21 2'
#
loop_
_entity.id
_entity.type
_entity.pdbx_description
1 polymer 'Mitochondrial fission 1 protein'
2 polymer 'inhibitor peptide'
3 water water
#
loop_
_entity_poly.entity_id
_entity_poly.type
_entity_poly.pdbx_seq_one_letter_code
_entity_poly.pdbx_strand_id
1 'polypeptide(L)'
;MEAVLNELVSVEDLLKFEKKFQSEKAAGSVSKSTQFEYAWCLVRSKYNDDIRKGIVLLEELLPKGSKEEQRDYVFYLAVG
NYRLKEYEKALKYVRGLLQTEPQNNQAKELERLIDKAMKKDGLVG
;
A
2 'polypeptide(L)' SHKHDPLPYPHFLL B
#
# COMPACT_ATOMS: atom_id res chain seq x y z
N MET A 1 -19.93 1.32 7.21
CA MET A 1 -19.97 -0.08 6.82
C MET A 1 -18.82 -0.86 7.44
N GLU A 2 -18.04 -0.21 8.31
CA GLU A 2 -16.85 -0.84 8.88
C GLU A 2 -16.56 -0.23 10.24
N ALA A 3 -15.75 -0.95 11.03
CA ALA A 3 -15.22 -0.49 12.30
C ALA A 3 -13.71 -0.28 12.17
N VAL A 4 -13.17 0.59 13.03
CA VAL A 4 -11.76 0.97 12.96
C VAL A 4 -10.95 0.01 13.83
N LEU A 5 -10.36 -1.00 13.19
CA LEU A 5 -9.47 -1.92 13.88
C LEU A 5 -8.08 -1.32 14.03
N ASN A 6 -7.35 -1.79 15.04
CA ASN A 6 -5.94 -1.42 15.22
C ASN A 6 -4.98 -2.45 14.63
N GLU A 7 -5.31 -3.74 14.69
CA GLU A 7 -4.46 -4.80 14.14
C GLU A 7 -5.16 -5.36 12.91
N LEU A 8 -4.67 -5.01 11.74
CA LEU A 8 -5.33 -5.38 10.51
C LEU A 8 -4.81 -6.68 9.91
N VAL A 9 -3.72 -7.22 10.44
CA VAL A 9 -3.22 -8.51 9.98
C VAL A 9 -2.47 -9.16 11.13
N SER A 10 -2.82 -10.41 11.43
CA SER A 10 -2.23 -11.14 12.54
C SER A 10 -0.81 -11.56 12.17
N VAL A 11 0.01 -11.81 13.19
CA VAL A 11 1.37 -12.28 12.92
C VAL A 11 1.31 -13.62 12.17
N GLU A 12 0.32 -14.46 12.52
CA GLU A 12 0.20 -15.75 11.85
C GLU A 12 -0.10 -15.60 10.36
N ASP A 13 -0.98 -14.66 10.01
CA ASP A 13 -1.29 -14.50 8.59
C ASP A 13 -0.13 -13.87 7.83
N LEU A 14 0.54 -12.88 8.44
CA LEU A 14 1.73 -12.33 7.79
C LEU A 14 2.77 -13.42 7.51
N LEU A 15 2.97 -14.31 8.48
CA LEU A 15 3.95 -15.38 8.33
C LEU A 15 3.52 -16.39 7.28
N LYS A 16 2.23 -16.70 7.22
CA LYS A 16 1.72 -17.62 6.20
C LYS A 16 2.03 -17.10 4.80
N PHE A 17 1.73 -15.82 4.54
CA PHE A 17 1.99 -15.29 3.22
C PHE A 17 3.49 -15.07 2.99
N GLU A 18 4.25 -14.79 4.06
CA GLU A 18 5.71 -14.70 3.89
C GLU A 18 6.30 -16.04 3.51
N LYS A 19 5.81 -17.12 4.15
CA LYS A 19 6.36 -18.45 3.91
C LYS A 19 6.12 -18.90 2.48
N LYS A 20 4.91 -18.67 1.97
CA LYS A 20 4.61 -19.02 0.58
C LYS A 20 5.44 -18.17 -0.38
N PHE A 21 5.58 -16.87 -0.10
CA PHE A 21 6.44 -16.03 -0.93
C PHE A 21 7.86 -16.57 -0.99
N GLN A 22 8.44 -16.86 0.18
CA GLN A 22 9.84 -17.30 0.21
C GLN A 22 10.00 -18.69 -0.37
N SER A 23 8.99 -19.56 -0.23
CA SER A 23 8.99 -20.84 -0.94
C SER A 23 9.15 -20.63 -2.43
N GLU A 24 8.28 -19.81 -3.01
CA GLU A 24 8.27 -19.61 -4.45
C GLU A 24 9.52 -18.89 -4.92
N LYS A 25 9.99 -17.92 -4.14
CA LYS A 25 11.19 -17.18 -4.53
C LYS A 25 12.40 -18.10 -4.57
N ALA A 26 12.47 -19.05 -3.62
CA ALA A 26 13.58 -19.98 -3.60
C ALA A 26 13.46 -21.02 -4.71
N ALA A 27 12.23 -21.38 -5.07
CA ALA A 27 12.01 -22.34 -6.15
C ALA A 27 12.10 -21.70 -7.53
N GLY A 28 12.17 -20.37 -7.63
CA GLY A 28 12.57 -19.70 -8.85
C GLY A 28 11.51 -18.84 -9.52
N SER A 29 10.23 -19.10 -9.29
CA SER A 29 9.17 -18.33 -9.96
C SER A 29 8.07 -18.00 -8.97
N VAL A 30 7.80 -16.71 -8.79
CA VAL A 30 6.82 -16.23 -7.82
C VAL A 30 5.55 -15.81 -8.56
N SER A 31 4.42 -16.36 -8.13
CA SER A 31 3.14 -15.93 -8.67
C SER A 31 2.87 -14.47 -8.30
N LYS A 32 2.33 -13.72 -9.27
CA LYS A 32 1.84 -12.37 -8.99
C LYS A 32 0.89 -12.35 -7.82
N SER A 33 -0.03 -13.31 -7.73
CA SER A 33 -0.97 -13.32 -6.62
C SER A 33 -0.24 -13.53 -5.30
N THR A 34 0.76 -14.43 -5.29
CA THR A 34 1.53 -14.66 -4.07
C THR A 34 2.26 -13.40 -3.64
N GLN A 35 2.93 -12.72 -4.58
CA GLN A 35 3.65 -11.50 -4.25
C GLN A 35 2.67 -10.39 -3.86
N PHE A 36 1.55 -10.25 -4.57
CA PHE A 36 0.64 -9.16 -4.23
C PHE A 36 -0.01 -9.40 -2.88
N GLU A 37 -0.47 -10.63 -2.62
CA GLU A 37 -1.14 -10.93 -1.35
C GLU A 37 -0.21 -10.69 -0.17
N TYR A 38 1.06 -11.12 -0.26
CA TYR A 38 2.04 -10.81 0.78
C TYR A 38 2.20 -9.29 0.95
N ALA A 39 2.38 -8.57 -0.17
CA ALA A 39 2.54 -7.12 -0.10
C ALA A 39 1.32 -6.47 0.54
N TRP A 40 0.13 -6.96 0.18
CA TRP A 40 -1.10 -6.39 0.73
C TRP A 40 -1.16 -6.55 2.24
N CYS A 41 -0.76 -7.71 2.76
CA CYS A 41 -0.60 -7.87 4.21
C CYS A 41 0.41 -6.90 4.79
N LEU A 42 1.57 -6.76 4.13
CA LEU A 42 2.64 -5.94 4.66
C LEU A 42 2.21 -4.47 4.80
N VAL A 43 1.48 -3.96 3.80
CA VAL A 43 1.09 -2.57 3.80
C VAL A 43 0.03 -2.27 4.86
N ARG A 44 -0.67 -3.28 5.36
CA ARG A 44 -1.60 -3.14 6.48
C ARG A 44 -0.94 -3.33 7.85
N SER A 45 0.35 -3.63 7.90
CA SER A 45 1.00 -3.91 9.16
C SER A 45 1.09 -2.66 10.04
N LYS A 46 1.25 -2.89 11.35
CA LYS A 46 1.49 -1.79 12.29
C LYS A 46 2.94 -1.30 12.25
N TYR A 47 3.83 -2.02 11.58
CA TYR A 47 5.26 -1.78 11.71
C TYR A 47 5.84 -1.20 10.43
N ASN A 48 6.72 -0.21 10.59
CA ASN A 48 7.22 0.54 9.45
C ASN A 48 8.01 -0.36 8.50
N ASP A 49 8.81 -1.27 9.04
CA ASP A 49 9.63 -2.09 8.16
C ASP A 49 8.78 -3.03 7.32
N ASP A 50 7.64 -3.49 7.86
CA ASP A 50 6.71 -4.27 7.05
C ASP A 50 6.16 -3.43 5.90
N ILE A 51 5.68 -2.23 6.20
CA ILE A 51 5.09 -1.41 5.14
C ILE A 51 6.12 -1.13 4.04
N ARG A 52 7.36 -0.83 4.43
CA ARG A 52 8.39 -0.60 3.44
C ARG A 52 8.62 -1.83 2.57
N LYS A 53 8.66 -3.01 3.19
CA LYS A 53 8.83 -4.23 2.40
C LYS A 53 7.69 -4.39 1.41
N GLY A 54 6.46 -4.09 1.83
CA GLY A 54 5.33 -4.18 0.93
C GLY A 54 5.44 -3.24 -0.26
N ILE A 55 5.94 -2.02 -0.03
CA ILE A 55 6.13 -1.07 -1.13
C ILE A 55 7.15 -1.61 -2.12
N VAL A 56 8.26 -2.17 -1.61
CA VAL A 56 9.27 -2.79 -2.49
C VAL A 56 8.64 -3.85 -3.39
N LEU A 57 7.86 -4.77 -2.78
CA LEU A 57 7.25 -5.84 -3.56
C LEU A 57 6.24 -5.31 -4.59
N LEU A 58 5.50 -4.26 -4.23
CA LEU A 58 4.52 -3.70 -5.17
C LEU A 58 5.21 -3.01 -6.35
N GLU A 59 6.32 -2.30 -6.08
CA GLU A 59 7.05 -1.67 -7.17
C GLU A 59 7.61 -2.72 -8.14
N GLU A 60 8.07 -3.87 -7.61
CA GLU A 60 8.52 -4.95 -8.47
C GLU A 60 7.39 -5.54 -9.29
N LEU A 61 6.18 -5.57 -8.73
CA LEU A 61 5.05 -6.14 -9.43
C LEU A 61 4.58 -5.26 -10.57
N LEU A 62 4.80 -3.94 -10.48
CA LEU A 62 4.18 -3.02 -11.43
C LEU A 62 4.38 -3.41 -12.89
N PRO A 63 5.58 -3.78 -13.36
CA PRO A 63 5.71 -4.10 -14.79
C PRO A 63 5.06 -5.42 -15.18
N LYS A 64 4.65 -6.26 -14.23
CA LYS A 64 4.04 -7.55 -14.55
C LYS A 64 2.52 -7.51 -14.65
N GLY A 65 1.90 -6.40 -14.27
CA GLY A 65 0.45 -6.37 -14.15
C GLY A 65 -0.25 -5.94 -15.42
N SER A 66 -1.45 -6.47 -15.62
CA SER A 66 -2.38 -5.87 -16.57
C SER A 66 -2.67 -4.42 -16.17
N LYS A 67 -3.31 -3.68 -17.07
CA LYS A 67 -3.62 -2.29 -16.76
C LYS A 67 -4.55 -2.19 -15.54
N GLU A 68 -5.48 -3.13 -15.42
CA GLU A 68 -6.35 -3.15 -14.25
C GLU A 68 -5.54 -3.43 -12.99
N GLU A 69 -4.66 -4.44 -13.05
CA GLU A 69 -3.86 -4.79 -11.87
C GLU A 69 -2.91 -3.65 -11.52
N GLN A 70 -2.30 -3.02 -12.53
CA GLN A 70 -1.42 -1.89 -12.25
C GLN A 70 -2.14 -0.79 -11.48
N ARG A 71 -3.44 -0.58 -11.74
CA ARG A 71 -4.17 0.44 -11.02
C ARG A 71 -4.31 0.08 -9.55
N ASP A 72 -4.57 -1.19 -9.26
CA ASP A 72 -4.63 -1.66 -7.89
C ASP A 72 -3.26 -1.55 -7.22
N TYR A 73 -2.18 -1.92 -7.93
CA TYR A 73 -0.86 -1.83 -7.33
C TYR A 73 -0.51 -0.39 -6.96
N VAL A 74 -0.81 0.53 -7.87
CA VAL A 74 -0.52 1.94 -7.66
C VAL A 74 -1.37 2.48 -6.52
N PHE A 75 -2.59 1.99 -6.36
CA PHE A 75 -3.39 2.43 -5.23
C PHE A 75 -2.73 2.01 -3.92
N TYR A 76 -2.27 0.76 -3.84
CA TYR A 76 -1.66 0.33 -2.58
C TYR A 76 -0.28 0.90 -2.37
N LEU A 77 0.41 1.29 -3.45
CA LEU A 77 1.64 2.06 -3.29
C LEU A 77 1.34 3.46 -2.75
N ALA A 78 0.24 4.07 -3.18
CA ALA A 78 -0.15 5.34 -2.56
C ALA A 78 -0.49 5.15 -1.08
N VAL A 79 -1.21 4.07 -0.73
CA VAL A 79 -1.56 3.83 0.67
C VAL A 79 -0.29 3.63 1.51
N GLY A 80 0.60 2.73 1.10
CA GLY A 80 1.79 2.47 1.89
C GLY A 80 2.64 3.72 2.08
N ASN A 81 2.87 4.46 0.98
CA ASN A 81 3.68 5.67 1.10
C ASN A 81 3.01 6.71 1.98
N TYR A 82 1.70 6.84 1.87
CA TYR A 82 0.97 7.73 2.78
C TYR A 82 1.23 7.36 4.23
N ARG A 83 1.08 6.08 4.58
CA ARG A 83 1.26 5.70 5.98
C ARG A 83 2.66 5.98 6.47
N LEU A 84 3.65 5.89 5.58
CA LEU A 84 5.01 6.17 5.99
C LEU A 84 5.36 7.66 5.93
N LYS A 85 4.42 8.54 5.56
CA LYS A 85 4.67 9.98 5.36
C LYS A 85 5.71 10.23 4.26
N GLU A 86 5.77 9.32 3.29
CA GLU A 86 6.46 9.53 2.03
C GLU A 86 5.49 10.28 1.11
N TYR A 87 5.25 11.54 1.48
CA TYR A 87 4.11 12.27 0.91
C TYR A 87 4.28 12.54 -0.58
N GLU A 88 5.48 12.90 -1.01
CA GLU A 88 5.66 13.19 -2.44
C GLU A 88 5.39 11.96 -3.28
N LYS A 89 5.85 10.80 -2.82
CA LYS A 89 5.54 9.56 -3.51
C LYS A 89 4.05 9.23 -3.44
N ALA A 90 3.43 9.41 -2.27
CA ALA A 90 2.02 9.07 -2.17
C ALA A 90 1.19 9.93 -3.12
N LEU A 91 1.53 11.21 -3.22
CA LEU A 91 0.82 12.11 -4.13
C LEU A 91 1.06 11.73 -5.58
N LYS A 92 2.30 11.40 -5.93
CA LYS A 92 2.61 11.02 -7.31
C LYS A 92 1.74 9.86 -7.75
N TYR A 93 1.65 8.83 -6.90
CA TYR A 93 0.89 7.63 -7.22
C TYR A 93 -0.61 7.92 -7.29
N VAL A 94 -1.16 8.59 -6.27
CA VAL A 94 -2.61 8.79 -6.24
C VAL A 94 -3.05 9.77 -7.31
N ARG A 95 -2.23 10.80 -7.60
CA ARG A 95 -2.62 11.75 -8.65
C ARG A 95 -2.57 11.10 -10.02
N GLY A 96 -1.58 10.23 -10.25
CA GLY A 96 -1.56 9.47 -11.49
C GLY A 96 -2.77 8.60 -11.65
N LEU A 97 -3.23 7.99 -10.55
CA LEU A 97 -4.44 7.19 -10.60
C LEU A 97 -5.66 8.06 -10.90
N LEU A 98 -5.70 9.27 -10.34
CA LEU A 98 -6.86 10.13 -10.50
C LEU A 98 -6.98 10.71 -11.91
N GLN A 99 -5.89 10.80 -12.66
CA GLN A 99 -6.05 11.20 -14.06
C GLN A 99 -6.46 10.02 -14.93
N THR A 100 -6.04 8.80 -14.58
CA THR A 100 -6.42 7.60 -15.32
C THR A 100 -7.74 7.01 -14.84
N GLU A 101 -8.30 7.54 -13.75
CA GLU A 101 -9.57 7.09 -13.18
C GLU A 101 -10.19 8.24 -12.39
N PRO A 102 -10.63 9.31 -13.06
CA PRO A 102 -11.08 10.50 -12.32
C PRO A 102 -12.33 10.27 -11.47
N GLN A 103 -13.06 9.19 -11.68
CA GLN A 103 -14.25 8.88 -10.90
C GLN A 103 -13.94 8.07 -9.64
N ASN A 104 -12.69 7.71 -9.42
CA ASN A 104 -12.33 6.81 -8.32
C ASN A 104 -12.54 7.53 -6.99
N ASN A 105 -13.64 7.21 -6.31
CA ASN A 105 -13.92 7.82 -5.02
C ASN A 105 -12.91 7.41 -3.96
N GLN A 106 -12.36 6.19 -4.05
CA GLN A 106 -11.35 5.77 -3.09
C GLN A 106 -10.06 6.56 -3.27
N ALA A 107 -9.65 6.77 -4.51
CA ALA A 107 -8.44 7.56 -4.75
C ALA A 107 -8.64 9.00 -4.29
N LYS A 108 -9.80 9.59 -4.57
CA LYS A 108 -10.05 10.97 -4.16
C LYS A 108 -10.00 11.11 -2.65
N GLU A 109 -10.55 10.13 -1.92
CA GLU A 109 -10.51 10.19 -0.46
C GLU A 109 -9.07 10.03 0.05
N LEU A 110 -8.29 9.17 -0.58
CA LEU A 110 -6.89 9.00 -0.15
C LEU A 110 -6.10 10.29 -0.41
N GLU A 111 -6.31 10.92 -1.57
CA GLU A 111 -5.67 12.20 -1.81
C GLU A 111 -6.05 13.22 -0.74
N ARG A 112 -7.32 13.24 -0.32
CA ARG A 112 -7.72 14.18 0.74
C ARG A 112 -7.01 13.85 2.05
N LEU A 113 -6.82 12.57 2.35
CA LEU A 113 -6.13 12.22 3.59
C LEU A 113 -4.66 12.63 3.54
N ILE A 114 -4.02 12.41 2.39
CA ILE A 114 -2.63 12.82 2.21
C ILE A 114 -2.49 14.33 2.36
N ASP A 115 -3.35 15.08 1.67
CA ASP A 115 -3.35 16.54 1.77
C ASP A 115 -3.46 17.02 3.22
N LYS A 116 -4.39 16.43 3.97
CA LYS A 116 -4.57 16.84 5.36
C LYS A 116 -3.34 16.47 6.20
N ALA A 117 -2.78 15.30 5.98
CA ALA A 117 -1.59 14.88 6.72
C ALA A 117 -0.42 15.79 6.42
N MET A 118 -0.27 16.21 5.16
CA MET A 118 0.80 17.15 4.83
C MET A 118 0.60 18.50 5.52
N LYS A 119 -0.63 19.01 5.48
CA LYS A 119 -0.90 20.30 6.12
C LYS A 119 -0.71 20.20 7.63
N LYS A 120 -1.05 19.05 8.21
CA LYS A 120 -0.83 18.86 9.64
C LYS A 120 0.65 18.98 9.98
N ASP A 121 1.52 18.42 9.12
CA ASP A 121 2.97 18.52 9.25
C ASP A 121 3.54 19.85 8.76
N GLY A 122 2.70 20.77 8.31
CA GLY A 122 3.19 22.05 7.82
C GLY A 122 3.89 22.01 6.48
N LEU A 123 3.57 21.04 5.64
CA LEU A 123 4.26 20.84 4.38
C LEU A 123 3.38 21.25 3.20
N VAL A 124 4.04 21.45 2.05
CA VAL A 124 3.35 21.76 0.81
C VAL A 124 3.80 20.78 -0.27
N GLY A 125 2.98 20.66 -1.31
CA GLY A 125 3.27 19.77 -2.42
C GLY A 125 2.07 19.45 -3.30
N LYS B 3 11.09 10.06 14.31
CA LYS B 3 10.03 9.41 13.54
C LYS B 3 9.59 8.11 14.21
N HIS B 4 8.29 7.81 14.16
CA HIS B 4 7.83 6.56 14.76
C HIS B 4 6.67 5.94 14.00
N ASP B 5 5.48 6.02 14.53
CA ASP B 5 4.46 5.09 14.09
C ASP B 5 3.90 5.48 12.72
N PRO B 6 3.55 4.49 11.90
CA PRO B 6 2.87 4.80 10.65
C PRO B 6 1.52 5.45 10.93
N LEU B 7 1.07 6.25 9.97
CA LEU B 7 -0.28 6.76 10.06
C LEU B 7 -1.26 5.59 9.95
N PRO B 8 -2.45 5.72 10.52
CA PRO B 8 -3.42 4.63 10.47
C PRO B 8 -3.76 4.25 9.05
N TYR B 9 -3.91 2.96 8.81
CA TYR B 9 -4.41 2.49 7.52
C TYR B 9 -5.75 3.17 7.22
N PRO B 10 -5.94 3.72 6.02
CA PRO B 10 -7.12 4.57 5.77
C PRO B 10 -8.43 3.85 6.09
N HIS B 11 -9.23 4.49 6.94
CA HIS B 11 -10.36 3.81 7.57
C HIS B 11 -11.43 3.40 6.57
N PHE B 12 -11.56 4.14 5.46
CA PHE B 12 -12.58 3.76 4.48
C PHE B 12 -12.22 2.49 3.72
N LEU B 13 -11.10 1.84 4.02
CA LEU B 13 -10.72 0.58 3.38
C LEU B 13 -11.20 -0.60 4.23
#